data_5ZQ0
#
_entry.id   5ZQ0
#
_cell.length_a   47.412
_cell.length_b   95.809
_cell.length_c   114.208
_cell.angle_alpha   90.000
_cell.angle_beta   90.000
_cell.angle_gamma   90.000
#
_symmetry.space_group_name_H-M   'P 21 21 21'
#
loop_
_entity.id
_entity.type
_entity.pdbx_description
1 polymer 'Uncharacterized RNA methyltransferase SP_1029'
2 polymer "RNA (5'-R(*GP*UP*(MUM)P*GP*AP*AP*AP*A)-3')"
3 non-polymer S-ADENOSYL-L-HOMOCYSTEINE
4 water water
#
loop_
_entity_poly.entity_id
_entity_poly.type
_entity_poly.pdbx_seq_one_letter_code
_entity_poly.pdbx_strand_id
1 'polypeptide(L)'
;MMLKKNDIVEVEIVDLTHEGAGVAKVDGLVFFVENALPSEKILMRVLKVNKKIGFGKVEKYLVQSPHRNQDLDLAYLRSG
IADLGHLSYPEQLKFKTKQVKDSLYKIAGIADVEVAETLGMEHPVKYRNKAQVPVRRVNGVLETGFFRKNSHNLMPLEDF
FIQDPVIDQVVVALRDLLRRFDLKPYDEKEQSGLIRNLVVRRGHYSGQIMVVLVTTRPKVFRVDQLIEQVIKQFPEIVSV
MQNINDQNTNAIFGKEWRTLYGQDYITDQMLGNDFQIAGPAFYQVNTEMAEKLYQTAIDFAELKKDDVIIDAYSGIGTIG
LSVAKHVKEVYGVELIPEAVENSQKNASLNKITNAHYVCDTAENAMKKWLKEGIQPTVILVDPPRKGLTESFIKASAQTG
ADRIAYISCNVATMARDIKLYQELGYELKKVQPVDLFPQTHHVQTVALLSKLD
;
A
2 'polyribonucleotide' GU(MUM)GAAAA B
#
loop_
_chem_comp.id
_chem_comp.type
_chem_comp.name
_chem_comp.formula
A RNA linking ADENOSINE-5'-MONOPHOSPHATE 'C10 H14 N5 O7 P'
G RNA linking GUANOSINE-5'-MONOPHOSPHATE 'C10 H14 N5 O8 P'
MUM RNA linking 5'-O-(dihydroxyphosphanyl)-5-methyl-5,6-dihydrouridine 'C10 H17 N2 O8 P'
SAH non-polymer S-ADENOSYL-L-HOMOCYSTEINE 'C14 H20 N6 O5 S'
U RNA linking URIDINE-5'-MONOPHOSPHATE 'C9 H13 N2 O9 P'
#
# COMPACT_ATOMS: atom_id res chain seq x y z
N MET A 1 8.24 -39.48 -13.49
CA MET A 1 7.24 -38.79 -14.37
C MET A 1 7.96 -37.94 -15.43
N MET A 2 8.84 -37.04 -14.97
CA MET A 2 9.63 -36.14 -15.84
C MET A 2 8.75 -35.25 -16.73
N LEU A 3 8.04 -34.33 -16.07
CA LEU A 3 7.09 -33.44 -16.72
C LEU A 3 7.80 -32.43 -17.59
N LYS A 4 7.15 -32.05 -18.69
CA LYS A 4 7.68 -30.99 -19.55
C LYS A 4 6.57 -30.03 -19.91
N LYS A 5 6.98 -28.84 -20.38
CA LYS A 5 6.07 -27.80 -20.83
C LYS A 5 5.04 -28.39 -21.80
N ASN A 6 3.79 -27.94 -21.67
CA ASN A 6 2.63 -28.43 -22.43
C ASN A 6 2.00 -29.73 -21.94
N ASP A 7 2.64 -30.50 -21.06
CA ASP A 7 1.95 -31.67 -20.49
C ASP A 7 0.69 -31.23 -19.75
N ILE A 8 -0.32 -32.09 -19.76
CA ILE A 8 -1.55 -31.87 -19.04
C ILE A 8 -1.51 -32.91 -17.95
N VAL A 9 -1.69 -32.50 -16.70
CA VAL A 9 -1.69 -33.42 -15.55
C VAL A 9 -2.83 -33.05 -14.60
N GLU A 10 -3.43 -34.07 -14.01
CA GLU A 10 -4.53 -33.86 -13.09
C GLU A 10 -3.93 -33.65 -11.70
N VAL A 11 -4.27 -32.53 -11.07
CA VAL A 11 -3.76 -32.21 -9.74
C VAL A 11 -4.87 -31.68 -8.84
N GLU A 12 -4.64 -31.77 -7.54
CA GLU A 12 -5.46 -31.10 -6.55
C GLU A 12 -4.67 -29.92 -5.99
N ILE A 13 -5.32 -28.77 -5.87
CA ILE A 13 -4.70 -27.60 -5.26
C ILE A 13 -4.79 -27.78 -3.74
N VAL A 14 -3.66 -27.64 -3.06
CA VAL A 14 -3.58 -27.90 -1.62
C VAL A 14 -3.23 -26.71 -0.76
N ASP A 15 -2.83 -25.58 -1.36
CA ASP A 15 -2.52 -24.40 -0.58
C ASP A 15 -2.60 -23.15 -1.46
N LEU A 16 -2.46 -21.99 -0.82
CA LEU A 16 -2.28 -20.71 -1.50
C LEU A 16 -0.98 -20.10 -1.05
N THR A 17 -0.24 -19.53 -1.99
CA THR A 17 0.96 -18.76 -1.64
C THR A 17 0.53 -17.44 -1.01
N HIS A 18 1.51 -16.73 -0.43
CA HIS A 18 1.27 -15.40 0.12
C HIS A 18 0.70 -14.42 -0.90
N GLU A 19 1.00 -14.63 -2.19
CA GLU A 19 0.48 -13.78 -3.27
C GLU A 19 -0.83 -14.25 -3.89
N GLY A 20 -1.40 -15.36 -3.39
CA GLY A 20 -2.71 -15.83 -3.82
C GLY A 20 -2.72 -16.84 -4.95
N ALA A 21 -1.56 -17.41 -5.28
CA ALA A 21 -1.46 -18.41 -6.35
C ALA A 21 -1.73 -19.79 -5.73
N GLY A 22 -2.44 -20.64 -6.46
CA GLY A 22 -2.69 -22.01 -6.01
C GLY A 22 -1.41 -22.82 -6.02
N VAL A 23 -1.30 -23.76 -5.08
CA VAL A 23 -0.14 -24.63 -4.93
C VAL A 23 -0.60 -26.08 -5.15
N ALA A 24 0.11 -26.79 -6.04
CA ALA A 24 -0.07 -28.22 -6.26
C ALA A 24 1.30 -28.86 -6.13
N LYS A 25 1.32 -30.14 -5.80
CA LYS A 25 2.57 -30.90 -5.68
C LYS A 25 2.49 -32.08 -6.63
N VAL A 26 3.46 -32.19 -7.54
CA VAL A 26 3.44 -33.29 -8.52
C VAL A 26 4.87 -33.70 -8.82
N ASP A 27 5.14 -35.00 -8.71
CA ASP A 27 6.45 -35.58 -8.97
C ASP A 27 7.62 -34.81 -8.34
N GLY A 28 7.50 -34.51 -7.07
CA GLY A 28 8.53 -33.75 -6.34
C GLY A 28 8.70 -32.28 -6.71
N LEU A 29 7.80 -31.75 -7.53
CA LEU A 29 7.83 -30.34 -7.89
C LEU A 29 6.67 -29.67 -7.17
N VAL A 30 6.89 -28.44 -6.72
CA VAL A 30 5.81 -27.58 -6.25
C VAL A 30 5.38 -26.69 -7.41
N PHE A 31 4.13 -26.83 -7.82
CA PHE A 31 3.57 -26.06 -8.92
C PHE A 31 2.74 -24.89 -8.40
N PHE A 32 2.89 -23.74 -9.06
CA PHE A 32 2.12 -22.54 -8.77
C PHE A 32 1.17 -22.29 -9.94
N VAL A 33 -0.11 -22.12 -9.63
CA VAL A 33 -1.16 -22.09 -10.63
C VAL A 33 -2.06 -20.88 -10.34
N GLU A 34 -2.20 -19.99 -11.32
CA GLU A 34 -3.05 -18.81 -11.16
C GLU A 34 -4.51 -19.23 -11.17
N ASN A 35 -5.33 -18.53 -10.39
CA ASN A 35 -6.76 -18.73 -10.41
C ASN A 35 -7.16 -20.19 -10.07
N ALA A 36 -6.54 -20.71 -9.01
CA ALA A 36 -6.80 -22.07 -8.54
C ALA A 36 -6.75 -22.05 -7.02
N LEU A 37 -7.80 -22.56 -6.38
CA LEU A 37 -8.00 -22.44 -4.94
C LEU A 37 -7.84 -23.78 -4.25
N PRO A 38 -7.55 -23.77 -2.94
CA PRO A 38 -7.40 -25.03 -2.20
C PRO A 38 -8.66 -25.89 -2.28
N SER A 39 -8.43 -27.19 -2.45
CA SER A 39 -9.45 -28.22 -2.68
C SER A 39 -9.99 -28.34 -4.11
N GLU A 40 -9.61 -27.42 -5.00
CA GLU A 40 -9.98 -27.53 -6.40
C GLU A 40 -9.20 -28.65 -7.08
N LYS A 41 -9.89 -29.40 -7.95
CA LYS A 41 -9.27 -30.42 -8.78
C LYS A 41 -9.31 -29.91 -10.19
N ILE A 42 -8.14 -29.89 -10.83
CA ILE A 42 -7.99 -29.34 -12.17
C ILE A 42 -7.19 -30.28 -13.08
N LEU A 43 -7.39 -30.15 -14.38
CA LEU A 43 -6.35 -30.49 -15.35
C LEU A 43 -5.46 -29.28 -15.42
N MET A 44 -4.19 -29.48 -15.12
CA MET A 44 -3.20 -28.41 -15.16
C MET A 44 -2.32 -28.56 -16.38
N ARG A 45 -2.22 -27.50 -17.16
CA ARG A 45 -1.23 -27.42 -18.24
C ARG A 45 0.10 -26.93 -17.66
N VAL A 46 1.16 -27.71 -17.86
CA VAL A 46 2.49 -27.30 -17.43
C VAL A 46 3.00 -26.19 -18.35
N LEU A 47 3.32 -25.03 -17.79
CA LEU A 47 3.86 -23.92 -18.56
C LEU A 47 5.38 -23.87 -18.51
N LYS A 48 5.96 -24.28 -17.38
CA LYS A 48 7.38 -24.09 -17.13
C LYS A 48 7.76 -25.09 -16.04
N VAL A 49 8.87 -25.80 -16.26
CA VAL A 49 9.39 -26.77 -15.30
C VAL A 49 10.77 -26.28 -14.90
N ASN A 50 10.92 -25.89 -13.64
CA ASN A 50 12.23 -25.60 -13.09
C ASN A 50 12.73 -26.82 -12.28
N LYS A 51 13.82 -26.66 -11.52
CA LYS A 51 14.41 -27.78 -10.81
C LYS A 51 13.52 -28.29 -9.68
N LYS A 52 13.02 -27.39 -8.84
CA LYS A 52 12.20 -27.72 -7.70
C LYS A 52 10.75 -27.21 -7.77
N ILE A 53 10.49 -26.23 -8.64
CA ILE A 53 9.17 -25.66 -8.82
C ILE A 53 8.77 -25.72 -10.29
N GLY A 54 7.47 -25.56 -10.51
CA GLY A 54 6.95 -25.39 -11.86
C GLY A 54 5.82 -24.37 -11.83
N PHE A 55 5.40 -23.98 -13.02
CA PHE A 55 4.29 -23.05 -13.18
C PHE A 55 3.30 -23.73 -14.09
N GLY A 56 2.04 -23.69 -13.67
CA GLY A 56 0.96 -24.31 -14.41
C GLY A 56 -0.21 -23.37 -14.60
N LYS A 57 -1.12 -23.80 -15.47
CA LYS A 57 -2.32 -23.02 -15.76
C LYS A 57 -3.48 -23.98 -15.71
N VAL A 58 -4.66 -23.49 -15.35
CA VAL A 58 -5.86 -24.31 -15.32
C VAL A 58 -6.29 -24.57 -16.76
N GLU A 59 -6.19 -25.82 -17.19
CA GLU A 59 -6.71 -26.27 -18.48
C GLU A 59 -8.22 -26.52 -18.38
N LYS A 60 -8.64 -27.19 -17.31
CA LYS A 60 -10.04 -27.44 -17.03
C LYS A 60 -10.27 -27.58 -15.53
N TYR A 61 -11.33 -26.96 -15.01
CA TYR A 61 -11.75 -27.20 -13.64
C TYR A 61 -12.59 -28.46 -13.61
N LEU A 62 -12.17 -29.43 -12.81
CA LEU A 62 -12.96 -30.65 -12.58
C LEU A 62 -13.87 -30.45 -11.37
N VAL A 63 -13.32 -29.89 -10.29
CA VAL A 63 -14.11 -29.57 -9.11
C VAL A 63 -13.62 -28.22 -8.58
N GLN A 64 -14.55 -27.30 -8.39
CA GLN A 64 -14.23 -25.97 -7.90
C GLN A 64 -14.45 -25.89 -6.41
N SER A 65 -13.90 -24.82 -5.82
CA SER A 65 -13.96 -24.63 -4.38
C SER A 65 -15.33 -24.10 -4.01
N PRO A 66 -15.89 -24.59 -2.88
CA PRO A 66 -17.10 -23.95 -2.37
C PRO A 66 -16.94 -22.47 -1.98
N HIS A 67 -15.70 -22.00 -1.81
CA HIS A 67 -15.42 -20.62 -1.49
C HIS A 67 -15.12 -19.74 -2.70
N ARG A 68 -15.17 -20.30 -3.89
CA ARG A 68 -14.90 -19.53 -5.10
C ARG A 68 -16.01 -18.48 -5.34
N ASN A 69 -15.57 -17.27 -5.63
CA ASN A 69 -16.46 -16.21 -6.08
C ASN A 69 -16.57 -16.29 -7.61
N GLN A 70 -17.70 -16.82 -8.08
CA GLN A 70 -17.96 -16.94 -9.52
C GLN A 70 -18.10 -15.59 -10.26
N ASP A 71 -18.43 -14.53 -9.53
CA ASP A 71 -18.74 -13.23 -10.17
C ASP A 71 -17.55 -12.34 -10.55
N LEU A 72 -16.33 -12.75 -10.22
CA LEU A 72 -15.18 -11.90 -10.50
C LEU A 72 -14.87 -11.83 -12.00
N ASP A 73 -14.80 -10.61 -12.51
CA ASP A 73 -14.26 -10.38 -13.84
C ASP A 73 -12.75 -10.67 -13.77
N LEU A 74 -12.29 -11.60 -14.61
CA LEU A 74 -10.91 -12.05 -14.61
C LEU A 74 -9.88 -10.98 -14.95
N ALA A 75 -10.29 -9.92 -15.65
CA ALA A 75 -9.43 -8.76 -15.87
C ALA A 75 -8.82 -8.23 -14.57
N TYR A 76 -9.60 -8.24 -13.49
CA TYR A 76 -9.11 -7.75 -12.19
C TYR A 76 -8.08 -8.65 -11.54
N LEU A 77 -8.22 -9.96 -11.76
CA LEU A 77 -7.25 -10.92 -11.27
C LEU A 77 -5.93 -10.79 -12.04
N ARG A 78 -6.02 -10.72 -13.37
CA ARG A 78 -4.85 -10.71 -14.24
C ARG A 78 -4.04 -9.42 -14.15
N SER A 79 -4.73 -8.31 -13.88
CA SER A 79 -4.11 -6.99 -13.74
C SER A 79 -3.54 -6.76 -12.33
N GLY A 80 -3.72 -7.75 -11.45
CA GLY A 80 -3.28 -7.64 -10.07
C GLY A 80 -4.03 -6.60 -9.24
N ILE A 81 -5.20 -6.16 -9.71
CA ILE A 81 -6.06 -5.26 -8.96
C ILE A 81 -6.71 -6.04 -7.81
N ALA A 82 -7.25 -7.21 -8.11
CA ALA A 82 -7.92 -8.04 -7.11
C ALA A 82 -7.45 -9.48 -7.23
N ASP A 83 -6.21 -9.72 -6.80
CA ASP A 83 -5.60 -11.03 -6.99
C ASP A 83 -6.08 -12.08 -5.98
N LEU A 84 -6.92 -11.68 -5.02
CA LEU A 84 -7.71 -12.60 -4.21
C LEU A 84 -9.21 -12.48 -4.45
N GLY A 85 -9.63 -11.76 -5.49
CA GLY A 85 -11.04 -11.53 -5.76
C GLY A 85 -11.86 -12.75 -6.13
N HIS A 86 -11.17 -13.85 -6.50
CA HIS A 86 -11.81 -15.12 -6.80
C HIS A 86 -12.18 -15.92 -5.57
N LEU A 87 -11.80 -15.42 -4.39
CA LEU A 87 -12.10 -16.02 -3.11
C LEU A 87 -13.18 -15.21 -2.41
N SER A 88 -14.12 -15.88 -1.74
CA SER A 88 -15.15 -15.20 -0.96
C SER A 88 -14.47 -14.31 0.09
N TYR A 89 -15.11 -13.20 0.44
CA TYR A 89 -14.48 -12.23 1.35
C TYR A 89 -14.17 -12.82 2.75
N PRO A 90 -15.09 -13.61 3.34
CA PRO A 90 -14.75 -14.21 4.62
C PRO A 90 -13.51 -15.11 4.57
N GLU A 91 -13.30 -15.79 3.45
CA GLU A 91 -12.14 -16.63 3.30
C GLU A 91 -10.87 -15.82 2.96
N GLN A 92 -11.03 -14.67 2.29
CA GLN A 92 -9.91 -13.72 2.15
C GLN A 92 -9.40 -13.35 3.53
N LEU A 93 -10.32 -13.01 4.44
CA LEU A 93 -9.93 -12.61 5.80
C LEU A 93 -9.21 -13.75 6.55
N LYS A 94 -9.73 -14.97 6.45
CA LYS A 94 -9.10 -16.13 7.06
C LYS A 94 -7.71 -16.41 6.47
N PHE A 95 -7.56 -16.26 5.16
CA PHE A 95 -6.24 -16.37 4.49
C PHE A 95 -5.22 -15.37 5.06
N LYS A 96 -5.63 -14.12 5.21
CA LYS A 96 -4.74 -13.07 5.72
C LYS A 96 -4.30 -13.34 7.16
N THR A 97 -5.23 -13.79 7.99
CA THR A 97 -4.91 -14.20 9.36
C THR A 97 -3.88 -15.33 9.37
N LYS A 98 -4.11 -16.35 8.55
CA LYS A 98 -3.20 -17.48 8.42
C LYS A 98 -1.81 -17.06 7.95
N GLN A 99 -1.74 -16.15 6.98
CA GLN A 99 -0.46 -15.64 6.49
C GLN A 99 0.37 -15.00 7.60
N VAL A 100 -0.27 -14.17 8.42
CA VAL A 100 0.40 -13.56 9.57
C VAL A 100 0.92 -14.64 10.54
N LYS A 101 0.09 -15.62 10.89
CA LYS A 101 0.50 -16.72 11.77
C LYS A 101 1.69 -17.51 11.18
N ASP A 102 1.56 -17.90 9.92
CA ASP A 102 2.60 -18.65 9.19
C ASP A 102 3.92 -17.89 9.14
N SER A 103 3.86 -16.59 8.88
CA SER A 103 5.06 -15.76 8.80
C SER A 103 5.76 -15.59 10.15
N LEU A 104 4.97 -15.37 11.19
CA LEU A 104 5.54 -15.24 12.53
C LEU A 104 6.25 -16.54 12.95
N TYR A 105 5.66 -17.68 12.60
CA TYR A 105 6.26 -18.99 12.90
C TYR A 105 7.49 -19.28 12.04
N LYS A 106 7.37 -19.14 10.73
CA LYS A 106 8.45 -19.51 9.81
C LYS A 106 9.65 -18.58 9.88
N ILE A 107 9.40 -17.29 10.07
CA ILE A 107 10.48 -16.29 10.07
C ILE A 107 10.99 -15.98 11.48
N ALA A 108 10.08 -15.78 12.44
CA ALA A 108 10.46 -15.40 13.81
C ALA A 108 10.47 -16.55 14.80
N GLY A 109 9.99 -17.73 14.39
CA GLY A 109 9.88 -18.87 15.30
C GLY A 109 8.83 -18.72 16.38
N ILE A 110 7.84 -17.84 16.17
CA ILE A 110 6.83 -17.59 17.17
C ILE A 110 5.57 -18.39 16.81
N ALA A 111 5.16 -19.27 17.72
CA ALA A 111 3.96 -20.09 17.58
C ALA A 111 2.92 -19.83 18.65
N ASP A 112 3.24 -19.04 19.67
CA ASP A 112 2.41 -18.96 20.89
C ASP A 112 1.86 -17.56 21.20
N VAL A 113 1.84 -16.69 20.19
CA VAL A 113 1.28 -15.36 20.34
C VAL A 113 -0.06 -15.30 19.65
N GLU A 114 -1.04 -14.67 20.31
CA GLU A 114 -2.37 -14.53 19.77
C GLU A 114 -2.36 -13.61 18.54
N VAL A 115 -2.87 -14.11 17.43
CA VAL A 115 -3.09 -13.30 16.22
C VAL A 115 -4.59 -13.26 16.04
N ALA A 116 -5.21 -12.10 16.23
CA ALA A 116 -6.65 -11.96 16.13
C ALA A 116 -7.07 -12.15 14.67
N GLU A 117 -8.34 -12.48 14.47
CA GLU A 117 -8.86 -12.62 13.11
C GLU A 117 -8.83 -11.25 12.45
N THR A 118 -8.43 -11.22 11.19
CA THR A 118 -8.29 -9.99 10.42
C THR A 118 -9.57 -9.16 10.48
N LEU A 119 -9.44 -7.87 10.78
CA LEU A 119 -10.59 -6.96 10.81
C LEU A 119 -10.98 -6.64 9.37
N GLY A 120 -12.23 -6.96 9.05
CA GLY A 120 -12.73 -6.88 7.70
C GLY A 120 -13.46 -5.58 7.47
N MET A 121 -13.60 -5.25 6.20
CA MET A 121 -14.34 -4.09 5.78
C MET A 121 -15.77 -4.53 5.51
N GLU A 122 -16.75 -3.74 5.97
CA GLU A 122 -18.16 -4.11 5.80
C GLU A 122 -18.60 -4.25 4.33
N HIS A 123 -18.20 -3.29 3.49
CA HIS A 123 -18.44 -3.38 2.05
C HIS A 123 -17.10 -3.19 1.33
N PRO A 124 -16.39 -4.31 1.11
CA PRO A 124 -14.97 -4.28 0.78
C PRO A 124 -14.68 -3.99 -0.71
N VAL A 125 -15.20 -2.85 -1.18
CA VAL A 125 -15.09 -2.47 -2.58
C VAL A 125 -14.98 -0.96 -2.68
N LYS A 126 -14.55 -0.48 -3.84
CA LYS A 126 -14.57 0.94 -4.19
C LYS A 126 -13.88 1.84 -3.16
N TYR A 127 -12.81 1.34 -2.55
CA TYR A 127 -12.28 1.98 -1.34
C TYR A 127 -11.08 2.90 -1.55
N ARG A 128 -10.25 2.66 -2.59
CA ARG A 128 -9.00 3.44 -2.70
C ARG A 128 -9.27 4.93 -2.87
N ASN A 129 -8.57 5.75 -2.10
CA ASN A 129 -8.59 7.21 -2.25
C ASN A 129 -7.51 7.73 -3.23
N LYS A 130 -6.72 6.82 -3.82
CA LYS A 130 -5.72 7.20 -4.82
C LYS A 130 -5.65 6.18 -5.93
N ALA A 131 -5.49 6.68 -7.15
CA ALA A 131 -5.19 5.90 -8.33
C ALA A 131 -3.93 6.49 -8.97
N GLN A 132 -3.03 5.60 -9.39
CA GLN A 132 -1.79 5.95 -10.09
C GLN A 132 -1.81 5.13 -11.38
N VAL A 133 -2.30 5.75 -12.45
CA VAL A 133 -2.74 5.03 -13.63
C VAL A 133 -1.78 5.31 -14.78
N PRO A 134 -1.21 4.26 -15.38
CA PRO A 134 -0.36 4.50 -16.54
C PRO A 134 -1.18 4.87 -17.79
N VAL A 135 -0.55 5.66 -18.65
CA VAL A 135 -1.08 6.04 -19.96
C VAL A 135 -0.12 5.48 -21.03
N ARG A 136 -0.64 4.59 -21.87
CA ARG A 136 0.14 3.97 -22.94
C ARG A 136 -0.72 3.87 -24.21
N ARG A 137 -0.02 3.80 -25.35
CA ARG A 137 -0.64 3.49 -26.64
C ARG A 137 -0.86 1.98 -26.73
N VAL A 138 -2.11 1.56 -26.95
CA VAL A 138 -2.44 0.15 -27.12
C VAL A 138 -3.31 0.04 -28.37
N ASN A 139 -2.83 -0.74 -29.35
CA ASN A 139 -3.44 -0.85 -30.68
C ASN A 139 -3.74 0.53 -31.28
N GLY A 140 -2.72 1.39 -31.28
CA GLY A 140 -2.84 2.76 -31.79
C GLY A 140 -3.63 3.79 -31.00
N VAL A 141 -4.26 3.39 -29.89
CA VAL A 141 -5.18 4.27 -29.13
C VAL A 141 -4.58 4.61 -27.76
N LEU A 142 -4.72 5.86 -27.34
CA LEU A 142 -4.29 6.28 -26.00
C LEU A 142 -5.25 5.64 -25.00
N GLU A 143 -4.68 4.87 -24.07
CA GLU A 143 -5.48 4.14 -23.07
C GLU A 143 -4.95 4.37 -21.65
N THR A 144 -5.90 4.39 -20.71
CA THR A 144 -5.61 4.29 -19.28
C THR A 144 -5.99 2.88 -18.85
N GLY A 145 -5.26 2.36 -17.88
CA GLY A 145 -5.51 0.99 -17.41
C GLY A 145 -4.51 0.58 -16.35
N PHE A 146 -4.19 -0.72 -16.33
CA PHE A 146 -3.30 -1.27 -15.31
C PHE A 146 -2.46 -2.38 -15.95
N PHE A 147 -1.28 -2.63 -15.39
CA PHE A 147 -0.38 -3.62 -15.95
C PHE A 147 -0.82 -5.02 -15.57
N ARG A 148 -0.79 -5.91 -16.56
CA ARG A 148 -0.83 -7.34 -16.30
C ARG A 148 0.32 -7.71 -15.35
N LYS A 149 0.03 -8.54 -14.34
CA LYS A 149 1.04 -8.95 -13.34
C LYS A 149 2.33 -9.40 -14.03
N ASN A 150 3.48 -9.10 -13.42
CA ASN A 150 4.80 -9.47 -13.94
C ASN A 150 5.11 -8.94 -15.32
N SER A 151 4.62 -7.74 -15.63
CA SER A 151 4.81 -7.14 -16.95
C SER A 151 4.52 -5.65 -16.92
N HIS A 152 4.84 -5.00 -18.03
CA HIS A 152 4.40 -3.63 -18.31
C HIS A 152 3.44 -3.61 -19.52
N ASN A 153 2.66 -4.68 -19.70
CA ASN A 153 1.63 -4.74 -20.73
C ASN A 153 0.32 -4.17 -20.18
N LEU A 154 -0.05 -2.99 -20.65
CA LEU A 154 -1.22 -2.27 -20.15
C LEU A 154 -2.55 -2.90 -20.59
N MET A 155 -3.39 -3.23 -19.61
CA MET A 155 -4.74 -3.73 -19.86
C MET A 155 -5.68 -2.54 -19.70
N PRO A 156 -6.33 -2.09 -20.79
CA PRO A 156 -7.22 -0.94 -20.67
C PRO A 156 -8.39 -1.23 -19.75
N LEU A 157 -8.74 -0.27 -18.88
CA LEU A 157 -9.83 -0.39 -17.94
C LEU A 157 -10.42 0.98 -17.71
N GLU A 158 -11.72 1.03 -17.45
CA GLU A 158 -12.40 2.22 -16.96
C GLU A 158 -12.91 2.02 -15.52
N ASP A 159 -13.53 0.87 -15.25
CA ASP A 159 -13.95 0.53 -13.89
C ASP A 159 -12.78 -0.21 -13.20
N PHE A 160 -12.20 0.40 -12.18
CA PHE A 160 -11.05 -0.21 -11.47
C PHE A 160 -11.42 -1.05 -10.24
N PHE A 161 -12.73 -1.20 -9.99
CA PHE A 161 -13.30 -2.11 -8.96
C PHE A 161 -13.09 -1.65 -7.51
N ILE A 162 -11.84 -1.42 -7.15
CA ILE A 162 -11.46 -1.11 -5.77
C ILE A 162 -11.14 0.38 -5.54
N GLN A 163 -11.46 1.23 -6.51
CA GLN A 163 -11.21 2.68 -6.41
C GLN A 163 -12.50 3.43 -6.09
N ASP A 164 -12.37 4.56 -5.40
CA ASP A 164 -13.44 5.56 -5.28
C ASP A 164 -14.01 5.75 -6.70
N PRO A 165 -15.33 5.54 -6.88
CA PRO A 165 -15.85 5.63 -8.26
C PRO A 165 -15.72 7.02 -8.89
N VAL A 166 -15.63 8.06 -8.08
CA VAL A 166 -15.35 9.40 -8.59
C VAL A 166 -13.95 9.48 -9.19
N ILE A 167 -12.98 8.82 -8.56
CA ILE A 167 -11.65 8.72 -9.15
C ILE A 167 -11.69 8.03 -10.53
N ASP A 168 -12.46 6.95 -10.66
CA ASP A 168 -12.59 6.27 -11.96
C ASP A 168 -13.11 7.26 -13.02
N GLN A 169 -14.12 8.04 -12.65
CA GLN A 169 -14.68 9.05 -13.55
C GLN A 169 -13.68 10.12 -13.95
N VAL A 170 -12.89 10.59 -12.97
CA VAL A 170 -11.86 11.60 -13.24
C VAL A 170 -10.81 11.07 -14.23
N VAL A 171 -10.37 9.82 -14.01
CA VAL A 171 -9.36 9.19 -14.85
C VAL A 171 -9.87 9.04 -16.29
N VAL A 172 -11.11 8.58 -16.46
CA VAL A 172 -11.71 8.50 -17.79
C VAL A 172 -11.82 9.88 -18.46
N ALA A 173 -12.30 10.87 -17.73
CA ALA A 173 -12.42 12.23 -18.29
C ALA A 173 -11.05 12.74 -18.77
N LEU A 174 -10.02 12.55 -17.95
CA LEU A 174 -8.65 12.92 -18.31
C LEU A 174 -8.15 12.17 -19.54
N ARG A 175 -8.36 10.86 -19.59
CA ARG A 175 -8.01 10.06 -20.76
C ARG A 175 -8.63 10.66 -22.03
N ASP A 176 -9.91 10.97 -21.97
CA ASP A 176 -10.62 11.52 -23.13
C ASP A 176 -10.07 12.88 -23.53
N LEU A 177 -9.76 13.74 -22.54
CA LEU A 177 -9.08 15.02 -22.83
C LEU A 177 -7.70 14.83 -23.49
N LEU A 178 -6.89 13.91 -22.98
CA LEU A 178 -5.60 13.57 -23.60
C LEU A 178 -5.75 13.11 -25.07
N ARG A 179 -6.78 12.32 -25.35
CA ARG A 179 -7.08 11.93 -26.74
C ARG A 179 -7.48 13.16 -27.57
N ARG A 180 -8.44 13.93 -27.08
CA ARG A 180 -8.91 15.16 -27.73
C ARG A 180 -7.78 16.10 -28.13
N PHE A 181 -6.83 16.32 -27.22
CA PHE A 181 -5.71 17.23 -27.48
C PHE A 181 -4.49 16.57 -28.14
N ASP A 182 -4.60 15.27 -28.44
CA ASP A 182 -3.55 14.49 -29.10
C ASP A 182 -2.20 14.53 -28.36
N LEU A 183 -2.27 14.50 -27.03
CA LEU A 183 -1.06 14.41 -26.20
C LEU A 183 -0.55 12.97 -26.27
N LYS A 184 0.77 12.82 -26.33
CA LYS A 184 1.38 11.53 -26.63
C LYS A 184 1.70 10.72 -25.37
N PRO A 185 1.22 9.45 -25.31
CA PRO A 185 1.60 8.59 -24.19
C PRO A 185 3.09 8.30 -24.13
N TYR A 186 3.59 8.03 -22.93
CA TYR A 186 4.96 7.56 -22.74
C TYR A 186 5.11 6.20 -23.41
N ASP A 187 6.28 6.00 -24.03
CA ASP A 187 6.69 4.72 -24.60
C ASP A 187 8.00 4.37 -23.90
N GLU A 188 7.96 3.33 -23.08
CA GLU A 188 9.15 2.91 -22.34
C GLU A 188 10.24 2.35 -23.25
N LYS A 189 9.81 1.59 -24.26
CA LYS A 189 10.72 0.93 -25.20
C LYS A 189 11.50 1.98 -25.99
N GLU A 190 10.77 2.93 -26.58
CA GLU A 190 11.36 4.00 -27.41
C GLU A 190 11.82 5.25 -26.63
N GLN A 191 11.56 5.30 -25.32
CA GLN A 191 11.94 6.43 -24.45
C GLN A 191 11.46 7.80 -24.99
N SER A 192 10.24 7.81 -25.50
CA SER A 192 9.62 8.96 -26.14
C SER A 192 8.26 9.29 -25.51
N GLY A 193 7.64 10.37 -25.97
CA GLY A 193 6.29 10.74 -25.56
C GLY A 193 6.27 11.58 -24.30
N LEU A 194 5.06 11.94 -23.88
CA LEU A 194 4.84 12.95 -22.85
C LEU A 194 4.22 12.38 -21.55
N ILE A 195 3.01 11.83 -21.67
CA ILE A 195 2.19 11.47 -20.49
C ILE A 195 2.54 10.06 -20.00
N ARG A 196 3.19 10.01 -18.84
CA ARG A 196 3.57 8.74 -18.19
C ARG A 196 2.43 8.16 -17.34
N ASN A 197 1.88 8.99 -16.46
CA ASN A 197 0.84 8.59 -15.52
C ASN A 197 -0.12 9.71 -15.22
N LEU A 198 -1.34 9.33 -14.86
CA LEU A 198 -2.30 10.21 -14.23
C LEU A 198 -2.45 9.72 -12.78
N VAL A 199 -2.15 10.60 -11.82
CA VAL A 199 -2.37 10.29 -10.41
C VAL A 199 -3.55 11.14 -9.92
N VAL A 200 -4.50 10.48 -9.26
CA VAL A 200 -5.67 11.16 -8.73
C VAL A 200 -5.89 10.68 -7.31
N ARG A 201 -5.88 11.65 -6.39
CA ARG A 201 -6.19 11.42 -5.00
C ARG A 201 -7.43 12.24 -4.63
N ARG A 202 -8.34 11.58 -3.90
CA ARG A 202 -9.58 12.19 -3.48
C ARG A 202 -9.80 11.91 -2.00
N GLY A 203 -9.98 12.97 -1.23
CA GLY A 203 -10.23 12.86 0.20
C GLY A 203 -11.44 11.98 0.46
N HIS A 204 -11.25 10.99 1.33
CA HIS A 204 -12.30 10.05 1.68
C HIS A 204 -13.51 10.72 2.35
N TYR A 205 -13.25 11.64 3.27
CA TYR A 205 -14.31 12.44 3.92
C TYR A 205 -14.59 13.77 3.22
N SER A 206 -13.54 14.43 2.71
CA SER A 206 -13.67 15.79 2.20
C SER A 206 -14.13 15.81 0.75
N GLY A 207 -13.85 14.75 0.00
CA GLY A 207 -14.12 14.72 -1.43
C GLY A 207 -13.21 15.61 -2.29
N GLN A 208 -12.20 16.23 -1.67
CA GLN A 208 -11.32 17.15 -2.41
C GLN A 208 -10.40 16.35 -3.31
N ILE A 209 -10.26 16.79 -4.56
CA ILE A 209 -9.48 16.06 -5.53
C ILE A 209 -8.18 16.79 -5.94
N MET A 210 -7.07 16.04 -5.94
CA MET A 210 -5.83 16.46 -6.63
C MET A 210 -5.64 15.60 -7.87
N VAL A 211 -5.37 16.26 -8.99
CA VAL A 211 -4.93 15.59 -10.21
C VAL A 211 -3.43 15.88 -10.36
N VAL A 212 -2.66 14.85 -10.71
CA VAL A 212 -1.26 15.03 -11.04
C VAL A 212 -1.06 14.50 -12.44
N LEU A 213 -0.56 15.36 -13.33
CA LEU A 213 -0.07 14.95 -14.63
C LEU A 213 1.41 14.62 -14.50
N VAL A 214 1.77 13.35 -14.67
CA VAL A 214 3.16 12.91 -14.60
C VAL A 214 3.70 12.83 -16.02
N THR A 215 4.66 13.69 -16.33
CA THR A 215 5.12 13.89 -17.71
C THR A 215 6.64 13.74 -17.83
N THR A 216 7.09 13.47 -19.05
CA THR A 216 8.53 13.37 -19.35
C THR A 216 9.22 14.73 -19.44
N ARG A 217 8.46 15.79 -19.71
CA ARG A 217 8.99 17.14 -19.93
C ARG A 217 8.08 18.22 -19.34
N PRO A 218 8.63 19.44 -19.12
CA PRO A 218 7.83 20.55 -18.58
C PRO A 218 6.63 20.97 -19.43
N LYS A 219 6.82 21.05 -20.74
CA LYS A 219 5.84 21.68 -21.62
C LYS A 219 4.76 20.71 -22.02
N VAL A 220 3.52 21.06 -21.72
CA VAL A 220 2.37 20.27 -22.08
C VAL A 220 1.48 21.14 -22.96
N PHE A 221 1.37 20.74 -24.23
CA PHE A 221 0.46 21.31 -25.23
C PHE A 221 -0.98 21.54 -24.72
N ARG A 222 -1.33 22.81 -24.54
CA ARG A 222 -2.69 23.22 -24.15
C ARG A 222 -3.20 22.59 -22.84
N VAL A 223 -2.35 22.53 -21.83
N VAL A 223 -2.35 22.49 -21.81
CA VAL A 223 -2.73 22.04 -20.52
CA VAL A 223 -2.79 22.05 -20.48
C VAL A 223 -3.75 22.96 -19.81
C VAL A 223 -3.82 22.96 -19.86
N ASP A 224 -3.72 24.25 -20.12
CA ASP A 224 -4.66 25.21 -19.56
C ASP A 224 -6.08 24.91 -19.99
N GLN A 225 -6.25 24.55 -21.26
CA GLN A 225 -7.57 24.13 -21.73
C GLN A 225 -7.98 22.80 -21.12
N LEU A 226 -7.04 21.87 -21.02
CA LEU A 226 -7.32 20.59 -20.37
C LEU A 226 -7.81 20.81 -18.94
N ILE A 227 -7.07 21.61 -18.18
CA ILE A 227 -7.44 21.93 -16.80
C ILE A 227 -8.81 22.61 -16.73
N GLU A 228 -9.05 23.55 -17.64
CA GLU A 228 -10.34 24.24 -17.70
C GLU A 228 -11.49 23.23 -17.80
N GLN A 229 -11.39 22.29 -18.73
CA GLN A 229 -12.45 21.31 -18.96
C GLN A 229 -12.62 20.33 -17.78
N VAL A 230 -11.52 19.84 -17.22
CA VAL A 230 -11.63 18.83 -16.15
C VAL A 230 -12.23 19.43 -14.86
N ILE A 231 -11.86 20.66 -14.51
CA ILE A 231 -12.44 21.30 -13.31
C ILE A 231 -13.92 21.66 -13.49
N LYS A 232 -14.34 21.92 -14.73
CA LYS A 232 -15.76 22.11 -15.04
C LYS A 232 -16.55 20.82 -14.76
N GLN A 233 -16.06 19.69 -15.25
CA GLN A 233 -16.67 18.39 -14.97
C GLN A 233 -16.57 17.99 -13.50
N PHE A 234 -15.48 18.35 -12.82
CA PHE A 234 -15.28 17.98 -11.40
C PHE A 234 -14.85 19.19 -10.57
N PRO A 235 -15.84 20.01 -10.12
CA PRO A 235 -15.57 21.21 -9.30
C PRO A 235 -14.88 20.95 -7.96
N GLU A 236 -14.90 19.71 -7.49
CA GLU A 236 -14.17 19.34 -6.27
C GLU A 236 -12.64 19.25 -6.45
N ILE A 237 -12.13 19.35 -7.68
CA ILE A 237 -10.70 19.45 -7.90
C ILE A 237 -10.17 20.77 -7.34
N VAL A 238 -9.34 20.68 -6.29
CA VAL A 238 -8.72 21.85 -5.68
C VAL A 238 -7.24 22.04 -6.10
N SER A 239 -6.71 21.09 -6.86
CA SER A 239 -5.28 21.09 -7.20
C SER A 239 -5.07 20.31 -8.48
N VAL A 240 -4.34 20.91 -9.42
CA VAL A 240 -3.75 20.18 -10.53
C VAL A 240 -2.26 20.41 -10.43
N MET A 241 -1.52 19.33 -10.21
CA MET A 241 -0.07 19.36 -10.16
C MET A 241 0.50 18.74 -11.39
N GLN A 242 1.74 19.13 -11.68
CA GLN A 242 2.57 18.45 -12.64
C GLN A 242 3.79 17.87 -11.90
N ASN A 243 4.11 16.63 -12.22
CA ASN A 243 5.34 16.01 -11.79
C ASN A 243 6.12 15.66 -13.03
N ILE A 244 7.40 16.03 -13.07
CA ILE A 244 8.23 15.82 -14.24
C ILE A 244 9.19 14.68 -13.91
N ASN A 245 9.08 13.60 -14.69
CA ASN A 245 9.92 12.42 -14.52
C ASN A 245 10.59 12.14 -15.86
N ASP A 246 11.83 12.60 -15.99
CA ASP A 246 12.60 12.47 -17.26
C ASP A 246 13.52 11.23 -17.31
N GLN A 247 13.50 10.42 -16.26
CA GLN A 247 14.38 9.24 -16.16
C GLN A 247 13.70 7.96 -16.62
N ASN A 248 14.52 6.97 -16.97
CA ASN A 248 14.03 5.63 -17.22
C ASN A 248 14.04 4.92 -15.87
N THR A 249 12.94 5.05 -15.16
CA THR A 249 12.81 4.48 -13.83
C THR A 249 11.38 3.96 -13.73
N ASN A 250 11.17 2.93 -12.92
CA ASN A 250 9.82 2.44 -12.64
C ASN A 250 9.21 3.22 -11.48
N ALA A 251 9.98 4.09 -10.82
CA ALA A 251 9.41 5.05 -9.85
C ALA A 251 8.46 5.96 -10.61
N ILE A 252 7.25 6.13 -10.08
CA ILE A 252 6.26 6.94 -10.78
C ILE A 252 6.70 8.40 -10.81
N PHE A 253 7.08 8.95 -9.67
CA PHE A 253 7.40 10.36 -9.55
C PHE A 253 8.89 10.68 -9.69
N GLY A 254 9.22 11.69 -10.51
CA GLY A 254 10.53 12.34 -10.48
C GLY A 254 10.56 13.46 -9.43
N LYS A 255 11.68 14.18 -9.42
CA LYS A 255 11.95 15.15 -8.35
C LYS A 255 11.14 16.46 -8.47
N GLU A 256 10.84 16.88 -9.69
CA GLU A 256 10.26 18.22 -9.91
C GLU A 256 8.72 18.26 -9.87
N TRP A 257 8.18 19.05 -8.95
CA TRP A 257 6.73 19.28 -8.81
C TRP A 257 6.40 20.73 -9.14
N ARG A 258 5.31 20.94 -9.86
CA ARG A 258 4.80 22.27 -10.17
C ARG A 258 3.30 22.34 -9.95
N THR A 259 2.83 23.44 -9.39
CA THR A 259 1.40 23.68 -9.23
C THR A 259 0.88 24.30 -10.54
N LEU A 260 0.05 23.57 -11.29
CA LEU A 260 -0.60 24.12 -12.50
C LEU A 260 -1.92 24.81 -12.19
N TYR A 261 -2.58 24.41 -11.11
CA TYR A 261 -3.84 25.03 -10.72
C TYR A 261 -4.10 24.85 -9.25
N GLY A 262 -4.56 25.92 -8.60
CA GLY A 262 -5.11 25.86 -7.26
C GLY A 262 -4.06 25.66 -6.19
N GLN A 263 -4.29 24.69 -5.30
CA GLN A 263 -3.40 24.42 -4.17
C GLN A 263 -2.36 23.38 -4.55
N ASP A 264 -1.35 23.21 -3.70
CA ASP A 264 -0.43 22.06 -3.83
C ASP A 264 -0.73 20.97 -2.77
N TYR A 265 -1.97 20.94 -2.29
CA TYR A 265 -2.41 19.95 -1.32
C TYR A 265 -3.93 19.78 -1.41
N ILE A 266 -4.42 18.62 -0.97
CA ILE A 266 -5.83 18.49 -0.56
C ILE A 266 -5.88 18.41 0.96
N THR A 267 -7.06 18.65 1.51
CA THR A 267 -7.32 18.42 2.92
C THR A 267 -8.30 17.26 3.05
N ASP A 268 -8.05 16.36 4.01
CA ASP A 268 -8.97 15.28 4.36
C ASP A 268 -8.91 15.11 5.87
N GLN A 269 -9.83 14.32 6.42
CA GLN A 269 -9.91 14.04 7.85
C GLN A 269 -9.50 12.61 8.19
N MET A 270 -8.79 12.45 9.31
CA MET A 270 -8.65 11.14 9.96
C MET A 270 -8.80 11.31 11.47
N LEU A 271 -9.61 10.43 12.05
CA LEU A 271 -9.92 10.43 13.47
C LEU A 271 -10.32 11.83 13.95
N GLY A 272 -11.14 12.49 13.13
CA GLY A 272 -11.67 13.80 13.47
C GLY A 272 -10.75 15.01 13.32
N ASN A 273 -9.50 14.83 12.90
CA ASN A 273 -8.59 15.97 12.66
C ASN A 273 -8.36 16.20 11.16
N ASP A 274 -7.97 17.43 10.82
CA ASP A 274 -7.68 17.84 9.45
C ASP A 274 -6.20 17.62 9.10
N PHE A 275 -5.97 17.16 7.88
CA PHE A 275 -4.62 16.94 7.36
C PHE A 275 -4.53 17.46 5.93
N GLN A 276 -3.55 18.33 5.72
CA GLN A 276 -3.10 18.70 4.39
C GLN A 276 -2.17 17.61 3.85
N ILE A 277 -2.32 17.33 2.55
CA ILE A 277 -1.69 16.19 1.91
C ILE A 277 -1.13 16.60 0.55
N ALA A 278 0.20 16.63 0.44
CA ALA A 278 0.86 16.95 -0.83
C ALA A 278 0.79 15.75 -1.76
N GLY A 279 0.91 15.99 -3.06
CA GLY A 279 0.99 14.94 -4.08
C GLY A 279 2.03 13.85 -3.81
N PRO A 280 3.29 14.26 -3.55
CA PRO A 280 4.32 13.26 -3.23
C PRO A 280 4.27 12.69 -1.83
N ALA A 281 3.43 13.22 -0.94
CA ALA A 281 3.28 12.65 0.40
C ALA A 281 2.45 11.38 0.37
N PHE A 282 2.83 10.43 1.22
CA PHE A 282 2.04 9.24 1.45
C PHE A 282 0.75 9.58 2.22
N TYR A 283 -0.32 8.88 1.89
CA TYR A 283 -1.58 8.91 2.63
C TYR A 283 -2.16 7.52 2.53
N GLN A 284 -2.49 6.91 3.67
CA GLN A 284 -3.04 5.55 3.63
C GLN A 284 -4.23 5.54 2.64
N VAL A 285 -4.26 4.53 1.79
CA VAL A 285 -5.15 4.55 0.64
C VAL A 285 -6.57 4.10 0.95
N ASN A 286 -6.78 3.49 2.12
CA ASN A 286 -8.10 3.03 2.60
C ASN A 286 -8.31 3.72 3.94
N THR A 287 -8.81 4.95 3.87
CA THR A 287 -8.99 5.79 5.06
C THR A 287 -9.90 5.15 6.11
N GLU A 288 -11.02 4.58 5.67
CA GLU A 288 -11.96 3.93 6.60
C GLU A 288 -11.26 2.88 7.46
N MET A 289 -10.47 2.03 6.82
CA MET A 289 -9.76 0.96 7.52
C MET A 289 -8.48 1.43 8.23
N ALA A 290 -7.79 2.42 7.63
CA ALA A 290 -6.64 3.03 8.31
C ALA A 290 -6.99 3.69 9.64
N GLU A 291 -8.17 4.31 9.73
CA GLU A 291 -8.64 4.81 11.04
C GLU A 291 -8.72 3.70 12.09
N LYS A 292 -9.22 2.53 11.69
CA LYS A 292 -9.36 1.39 12.60
C LYS A 292 -8.00 0.81 12.98
N LEU A 293 -7.10 0.75 12.00
CA LEU A 293 -5.70 0.38 12.22
C LEU A 293 -5.04 1.29 13.24
N TYR A 294 -5.16 2.60 13.05
CA TYR A 294 -4.59 3.57 13.99
C TYR A 294 -5.17 3.40 15.38
N GLN A 295 -6.50 3.29 15.45
CA GLN A 295 -7.15 3.12 16.73
C GLN A 295 -6.67 1.86 17.43
N THR A 296 -6.48 0.77 16.69
CA THR A 296 -5.88 -0.45 17.27
C THR A 296 -4.49 -0.18 17.85
N ALA A 297 -3.61 0.45 17.08
CA ALA A 297 -2.27 0.80 17.54
C ALA A 297 -2.27 1.64 18.83
N ILE A 298 -3.13 2.66 18.85
CA ILE A 298 -3.32 3.54 20.01
C ILE A 298 -3.80 2.73 21.24
N ASP A 299 -4.83 1.91 21.04
CA ASP A 299 -5.35 1.02 22.08
C ASP A 299 -4.27 0.09 22.61
N PHE A 300 -3.51 -0.54 21.70
CA PHE A 300 -2.38 -1.40 22.08
C PHE A 300 -1.36 -0.67 22.94
N ALA A 301 -1.07 0.58 22.59
CA ALA A 301 -0.01 1.33 23.23
C ALA A 301 -0.35 1.85 24.63
N GLU A 302 -1.63 1.80 25.03
CA GLU A 302 -2.08 2.18 26.38
C GLU A 302 -1.47 3.51 26.82
N LEU A 303 -1.75 4.54 26.04
CA LEU A 303 -1.11 5.84 26.19
C LEU A 303 -1.53 6.58 27.46
N LYS A 304 -0.57 7.27 28.07
CA LYS A 304 -0.74 8.01 29.30
C LYS A 304 -0.26 9.44 29.10
N LYS A 305 -0.77 10.36 29.92
CA LYS A 305 -0.40 11.78 29.86
C LYS A 305 1.10 12.11 29.89
N ASP A 306 1.89 11.29 30.60
N ASP A 306 1.89 11.30 30.60
CA ASP A 306 3.32 11.46 30.71
CA ASP A 306 3.34 11.49 30.68
C ASP A 306 4.15 10.76 29.61
C ASP A 306 4.15 10.75 29.60
N ASP A 307 3.48 10.05 28.68
CA ASP A 307 4.20 9.31 27.64
C ASP A 307 4.90 10.25 26.65
N VAL A 308 6.06 9.80 26.20
CA VAL A 308 6.82 10.50 25.15
C VAL A 308 6.85 9.52 23.98
N ILE A 309 6.31 9.95 22.86
CA ILE A 309 6.06 9.07 21.70
C ILE A 309 7.04 9.42 20.60
N ILE A 310 7.65 8.40 20.00
CA ILE A 310 8.28 8.57 18.69
C ILE A 310 7.30 8.04 17.64
N ASP A 311 7.01 8.87 16.64
CA ASP A 311 6.23 8.47 15.46
C ASP A 311 7.21 8.34 14.28
N ALA A 312 7.75 7.14 14.07
CA ALA A 312 8.78 6.95 13.02
C ALA A 312 8.10 6.60 11.73
N TYR A 313 8.58 7.18 10.62
CA TYR A 313 7.94 7.07 9.29
C TYR A 313 6.59 7.77 9.31
N SER A 314 6.60 8.99 9.81
CA SER A 314 5.39 9.71 10.18
C SER A 314 4.59 10.32 9.04
N GLY A 315 5.17 10.46 7.85
CA GLY A 315 4.50 11.05 6.70
C GLY A 315 3.91 12.42 7.00
N ILE A 316 2.62 12.57 6.77
CA ILE A 316 1.92 13.84 7.01
C ILE A 316 1.51 14.04 8.48
N GLY A 317 1.85 13.06 9.33
CA GLY A 317 1.77 13.21 10.78
C GLY A 317 0.55 12.61 11.42
N THR A 318 -0.24 11.88 10.62
CA THR A 318 -1.54 11.37 11.06
C THR A 318 -1.50 10.62 12.38
N ILE A 319 -0.54 9.72 12.57
CA ILE A 319 -0.57 8.84 13.75
C ILE A 319 -0.22 9.64 15.01
N GLY A 320 0.96 10.28 15.02
CA GLY A 320 1.39 11.07 16.19
C GLY A 320 0.44 12.20 16.53
N LEU A 321 -0.07 12.89 15.50
CA LEU A 321 -0.97 14.02 15.74
C LEU A 321 -2.33 13.57 16.26
N SER A 322 -2.73 12.33 15.97
CA SER A 322 -3.97 11.75 16.54
C SER A 322 -3.87 11.56 18.06
N VAL A 323 -2.65 11.43 18.59
CA VAL A 323 -2.43 11.20 20.03
C VAL A 323 -1.77 12.34 20.79
N ALA A 324 -1.28 13.37 20.08
CA ALA A 324 -0.46 14.41 20.70
C ALA A 324 -1.11 15.09 21.92
N LYS A 325 -2.42 15.31 21.86
CA LYS A 325 -3.11 16.01 22.94
C LYS A 325 -3.35 15.15 24.17
N HIS A 326 -3.05 13.85 24.10
CA HIS A 326 -3.17 12.90 25.21
C HIS A 326 -1.83 12.43 25.79
N VAL A 327 -0.72 12.93 25.26
CA VAL A 327 0.61 12.52 25.73
C VAL A 327 1.45 13.76 25.98
N LYS A 328 2.64 13.59 26.55
CA LYS A 328 3.49 14.72 26.88
C LYS A 328 4.15 15.33 25.64
N GLU A 329 4.72 14.47 24.79
CA GLU A 329 5.55 14.90 23.66
C GLU A 329 5.45 13.89 22.51
N VAL A 330 5.44 14.38 21.27
CA VAL A 330 5.57 13.52 20.08
C VAL A 330 6.79 13.94 19.28
N TYR A 331 7.64 12.97 18.93
CA TYR A 331 8.77 13.20 18.05
C TYR A 331 8.58 12.33 16.81
N GLY A 332 8.64 12.94 15.62
CA GLY A 332 8.41 12.23 14.37
C GLY A 332 9.59 12.37 13.43
N VAL A 333 9.79 11.35 12.61
CA VAL A 333 10.78 11.39 11.55
C VAL A 333 10.16 10.95 10.23
N GLU A 334 10.39 11.74 9.20
CA GLU A 334 9.87 11.48 7.86
C GLU A 334 10.88 11.93 6.83
N LEU A 335 11.16 11.07 5.86
CA LEU A 335 12.18 11.33 4.85
C LEU A 335 11.80 12.38 3.78
N ILE A 336 10.54 12.43 3.36
CA ILE A 336 10.14 13.24 2.18
C ILE A 336 9.84 14.65 2.65
N PRO A 337 10.58 15.67 2.13
CA PRO A 337 10.38 17.04 2.58
C PRO A 337 8.90 17.53 2.52
N GLU A 338 8.21 17.24 1.44
CA GLU A 338 6.83 17.71 1.25
C GLU A 338 5.89 17.12 2.31
N ALA A 339 6.12 15.86 2.67
CA ALA A 339 5.33 15.18 3.68
C ALA A 339 5.61 15.72 5.08
N VAL A 340 6.88 15.85 5.46
CA VAL A 340 7.19 16.37 6.79
C VAL A 340 6.73 17.83 6.91
N GLU A 341 6.76 18.57 5.80
CA GLU A 341 6.23 19.92 5.76
C GLU A 341 4.70 19.94 5.94
N ASN A 342 3.99 19.00 5.31
CA ASN A 342 2.57 18.77 5.63
C ASN A 342 2.40 18.53 7.14
N SER A 343 3.19 17.62 7.73
CA SER A 343 3.04 17.32 9.18
C SER A 343 3.23 18.53 10.10
N GLN A 344 4.20 19.36 9.77
CA GLN A 344 4.47 20.61 10.51
C GLN A 344 3.22 21.52 10.46
N LYS A 345 2.69 21.72 9.25
CA LYS A 345 1.48 22.50 9.04
C LYS A 345 0.29 21.85 9.74
N ASN A 346 0.21 20.53 9.64
CA ASN A 346 -0.90 19.79 10.21
C ASN A 346 -0.95 19.91 11.74
N ALA A 347 0.20 19.90 12.39
CA ALA A 347 0.28 20.17 13.83
C ALA A 347 -0.35 21.51 14.16
N SER A 348 0.05 22.52 13.39
CA SER A 348 -0.40 23.89 13.58
C SER A 348 -1.90 24.03 13.36
N LEU A 349 -2.40 23.43 12.29
CA LEU A 349 -3.85 23.38 12.00
C LEU A 349 -4.69 22.84 13.15
N ASN A 350 -4.19 21.81 13.81
CA ASN A 350 -4.95 21.15 14.86
C ASN A 350 -4.57 21.66 16.25
N LYS A 351 -3.86 22.80 16.29
CA LYS A 351 -3.43 23.47 17.53
C LYS A 351 -2.64 22.56 18.46
N ILE A 352 -1.70 21.82 17.87
CA ILE A 352 -0.79 20.95 18.59
C ILE A 352 0.58 21.63 18.61
N THR A 353 1.14 21.82 19.80
CA THR A 353 2.45 22.44 19.95
C THR A 353 3.45 21.54 20.69
N ASN A 354 3.13 20.25 20.85
CA ASN A 354 4.04 19.30 21.49
C ASN A 354 4.51 18.18 20.53
N ALA A 355 4.41 18.46 19.22
CA ALA A 355 4.83 17.56 18.14
C ALA A 355 6.05 18.14 17.43
N HIS A 356 7.14 17.38 17.39
CA HIS A 356 8.41 17.85 16.87
C HIS A 356 8.90 16.87 15.80
N TYR A 357 9.07 17.38 14.57
CA TYR A 357 9.46 16.57 13.42
C TYR A 357 10.87 16.85 12.95
N VAL A 358 11.49 15.83 12.36
CA VAL A 358 12.74 15.99 11.67
C VAL A 358 12.61 15.33 10.31
N CYS A 359 13.21 15.98 9.31
CA CYS A 359 13.33 15.45 7.98
C CYS A 359 14.64 14.66 7.91
N ASP A 360 14.54 13.34 7.95
CA ASP A 360 15.73 12.48 7.95
C ASP A 360 15.30 11.03 7.68
N THR A 361 16.26 10.13 7.56
CA THR A 361 15.96 8.71 7.62
C THR A 361 15.66 8.37 9.09
N ALA A 362 14.83 7.36 9.29
CA ALA A 362 14.45 6.92 10.61
C ALA A 362 15.65 6.51 11.46
N GLU A 363 16.64 5.84 10.85
CA GLU A 363 17.81 5.38 11.60
C GLU A 363 18.70 6.55 12.06
N ASN A 364 18.91 7.52 11.17
CA ASN A 364 19.62 8.77 11.52
C ASN A 364 18.92 9.52 12.65
N ALA A 365 17.60 9.67 12.55
CA ALA A 365 16.87 10.42 13.57
C ALA A 365 16.95 9.69 14.90
N MET A 366 16.81 8.36 14.86
CA MET A 366 16.89 7.56 16.07
C MET A 366 18.25 7.71 16.75
N LYS A 367 19.33 7.68 15.97
CA LYS A 367 20.68 7.88 16.51
C LYS A 367 20.86 9.27 17.09
N LYS A 368 20.41 10.28 16.37
CA LYS A 368 20.44 11.67 16.85
C LYS A 368 19.65 11.87 18.16
N TRP A 369 18.42 11.35 18.21
CA TRP A 369 17.59 11.47 19.43
C TRP A 369 18.23 10.73 20.62
N LEU A 370 18.81 9.57 20.33
CA LEU A 370 19.53 8.81 21.34
C LEU A 370 20.69 9.64 21.89
N LYS A 371 21.42 10.32 21.01
CA LYS A 371 22.51 11.25 21.40
C LYS A 371 22.03 12.45 22.22
N GLU A 372 20.92 13.06 21.80
CA GLU A 372 20.35 14.21 22.51
C GLU A 372 19.79 13.86 23.89
N GLY A 373 19.53 12.58 24.14
CA GLY A 373 18.92 12.13 25.38
C GLY A 373 17.41 12.31 25.42
N ILE A 374 16.74 12.05 24.29
CA ILE A 374 15.29 11.97 24.25
C ILE A 374 14.94 10.66 24.96
N GLN A 375 13.88 10.70 25.77
CA GLN A 375 13.46 9.56 26.59
C GLN A 375 12.08 9.05 26.17
N PRO A 376 12.02 8.34 25.03
CA PRO A 376 10.71 7.84 24.59
C PRO A 376 10.23 6.67 25.46
N THR A 377 8.95 6.69 25.83
CA THR A 377 8.30 5.56 26.46
C THR A 377 7.56 4.65 25.47
N VAL A 378 7.18 5.20 24.32
CA VAL A 378 6.47 4.46 23.27
C VAL A 378 7.08 4.83 21.92
N ILE A 379 7.40 3.82 21.12
CA ILE A 379 7.86 4.01 19.75
C ILE A 379 6.83 3.38 18.82
N LEU A 380 6.26 4.18 17.95
CA LEU A 380 5.38 3.70 16.89
C LEU A 380 6.15 3.79 15.57
N VAL A 381 6.15 2.71 14.82
CA VAL A 381 6.82 2.64 13.53
C VAL A 381 5.82 2.19 12.48
N ASP A 382 5.92 2.77 11.30
CA ASP A 382 5.04 2.42 10.18
C ASP A 382 5.82 2.48 8.88
N PRO A 383 6.75 1.51 8.69
CA PRO A 383 7.65 1.58 7.55
C PRO A 383 7.04 1.13 6.22
N PRO A 384 7.70 1.49 5.11
CA PRO A 384 7.31 0.91 3.82
C PRO A 384 7.57 -0.59 3.80
N ARG A 385 7.23 -1.24 2.68
CA ARG A 385 7.27 -2.72 2.60
C ARG A 385 8.60 -3.34 3.06
N LYS A 386 9.71 -2.69 2.72
CA LYS A 386 11.04 -3.23 3.06
C LYS A 386 11.32 -3.32 4.56
N GLY A 387 10.48 -2.71 5.41
CA GLY A 387 10.64 -2.79 6.86
C GLY A 387 11.75 -1.91 7.38
N LEU A 388 12.19 -2.19 8.61
CA LEU A 388 13.19 -1.38 9.31
C LEU A 388 14.59 -1.87 9.01
N THR A 389 15.57 -0.98 9.16
CA THR A 389 17.00 -1.38 9.15
C THR A 389 17.37 -1.94 10.53
N GLU A 390 18.37 -2.82 10.56
CA GLU A 390 18.90 -3.33 11.83
C GLU A 390 19.45 -2.22 12.72
N SER A 391 20.13 -1.25 12.12
CA SER A 391 20.61 -0.09 12.87
C SER A 391 19.46 0.67 13.58
N PHE A 392 18.33 0.89 12.90
CA PHE A 392 17.18 1.50 13.58
C PHE A 392 16.67 0.65 14.74
N ILE A 393 16.53 -0.65 14.50
CA ILE A 393 16.02 -1.54 15.54
C ILE A 393 16.93 -1.49 16.78
N LYS A 394 18.24 -1.66 16.58
CA LYS A 394 19.20 -1.64 17.70
C LYS A 394 19.20 -0.31 18.44
N ALA A 395 19.17 0.79 17.69
CA ALA A 395 19.08 2.13 18.27
C ALA A 395 17.78 2.35 19.07
N SER A 396 16.65 1.96 18.49
CA SER A 396 15.35 2.07 19.17
C SER A 396 15.32 1.28 20.47
N ALA A 397 15.90 0.09 20.46
CA ALA A 397 15.96 -0.76 21.66
C ALA A 397 16.86 -0.20 22.78
N GLN A 398 17.90 0.58 22.42
CA GLN A 398 18.73 1.27 23.43
C GLN A 398 18.05 2.43 24.18
N THR A 399 16.93 2.96 23.69
CA THR A 399 16.19 4.00 24.39
C THR A 399 15.54 3.49 25.67
N GLY A 400 15.27 2.19 25.74
CA GLY A 400 14.47 1.63 26.82
C GLY A 400 13.00 1.97 26.78
N ALA A 401 12.46 2.35 25.60
CA ALA A 401 11.02 2.49 25.42
C ALA A 401 10.37 1.18 25.88
N ASP A 402 9.31 1.27 26.67
CA ASP A 402 8.72 0.04 27.18
C ASP A 402 7.67 -0.58 26.25
N ARG A 403 7.16 0.21 25.28
CA ARG A 403 6.17 -0.28 24.31
C ARG A 403 6.60 0.11 22.91
N ILE A 404 6.53 -0.84 21.98
CA ILE A 404 6.76 -0.56 20.56
C ILE A 404 5.54 -1.07 19.82
N ALA A 405 4.90 -0.20 19.05
CA ALA A 405 3.81 -0.58 18.17
C ALA A 405 4.29 -0.54 16.71
N TYR A 406 4.35 -1.71 16.08
CA TYR A 406 4.84 -1.84 14.73
C TYR A 406 3.60 -2.00 13.84
N ILE A 407 3.40 -0.99 12.99
CA ILE A 407 2.38 -1.02 11.95
C ILE A 407 3.09 -1.42 10.65
N SER A 408 2.59 -2.45 9.98
CA SER A 408 3.24 -3.04 8.83
C SER A 408 2.30 -3.35 7.66
N CYS A 409 2.75 -3.08 6.43
CA CYS A 409 2.07 -3.54 5.22
C CYS A 409 2.83 -4.70 4.55
N ASN A 410 3.69 -5.39 5.30
CA ASN A 410 4.44 -6.55 4.77
C ASN A 410 4.87 -7.41 5.95
N VAL A 411 4.10 -8.46 6.19
CA VAL A 411 4.31 -9.32 7.34
C VAL A 411 5.66 -10.09 7.28
N ALA A 412 6.23 -10.31 6.10
CA ALA A 412 7.54 -10.97 6.00
C ALA A 412 8.67 -10.12 6.63
N THR A 413 8.70 -8.83 6.32
CA THR A 413 9.69 -7.93 6.92
C THR A 413 9.35 -7.60 8.38
N MET A 414 8.06 -7.48 8.71
CA MET A 414 7.69 -7.32 10.12
C MET A 414 8.18 -8.50 11.00
N ALA A 415 7.93 -9.73 10.56
CA ALA A 415 8.36 -10.91 11.31
C ALA A 415 9.90 -10.95 11.48
N ARG A 416 10.63 -10.66 10.40
CA ARG A 416 12.11 -10.54 10.45
C ARG A 416 12.50 -9.53 11.51
N ASP A 417 11.87 -8.35 11.48
CA ASP A 417 12.20 -7.28 12.42
C ASP A 417 11.83 -7.63 13.86
N ILE A 418 10.68 -8.28 14.04
CA ILE A 418 10.23 -8.77 15.33
C ILE A 418 11.24 -9.77 15.93
N LYS A 419 11.80 -10.63 15.10
CA LYS A 419 12.82 -11.60 15.53
C LYS A 419 14.03 -10.88 16.12
N LEU A 420 14.48 -9.78 15.48
CA LEU A 420 15.58 -8.97 16.04
C LEU A 420 15.18 -8.27 17.35
N TYR A 421 14.00 -7.66 17.39
CA TYR A 421 13.51 -7.04 18.62
C TYR A 421 13.47 -8.05 19.78
N GLN A 422 13.03 -9.27 19.51
CA GLN A 422 13.03 -10.33 20.53
C GLN A 422 14.42 -10.72 21.05
N GLU A 423 15.43 -10.63 20.20
CA GLU A 423 16.82 -10.82 20.62
C GLU A 423 17.34 -9.67 21.49
N LEU A 424 16.69 -8.50 21.42
CA LEU A 424 17.13 -7.31 22.16
C LEU A 424 16.27 -6.98 23.37
N GLY A 425 15.54 -7.95 23.89
CA GLY A 425 14.81 -7.77 25.13
C GLY A 425 13.35 -7.36 25.02
N TYR A 426 12.79 -7.37 23.80
CA TYR A 426 11.35 -7.11 23.60
C TYR A 426 10.58 -8.41 23.41
N GLU A 427 9.37 -8.47 23.94
CA GLU A 427 8.48 -9.61 23.77
C GLU A 427 7.25 -9.20 22.95
N LEU A 428 6.98 -9.97 21.90
CA LEU A 428 5.77 -9.79 21.09
C LEU A 428 4.58 -10.21 21.93
N LYS A 429 3.63 -9.31 22.14
CA LYS A 429 2.46 -9.56 23.00
C LYS A 429 1.22 -9.95 22.21
N LYS A 430 0.96 -9.24 21.12
CA LYS A 430 -0.28 -9.44 20.36
C LYS A 430 -0.18 -8.81 19.00
N VAL A 431 -0.99 -9.34 18.09
CA VAL A 431 -1.01 -8.92 16.70
C VAL A 431 -2.47 -8.83 16.23
N GLN A 432 -2.81 -7.71 15.58
CA GLN A 432 -4.11 -7.52 14.99
C GLN A 432 -3.95 -7.21 13.50
N PRO A 433 -4.34 -8.16 12.63
CA PRO A 433 -4.38 -7.84 11.21
C PRO A 433 -5.62 -6.99 10.88
N VAL A 434 -5.47 -6.09 9.91
CA VAL A 434 -6.56 -5.20 9.49
C VAL A 434 -6.59 -5.19 7.97
N ASP A 435 -7.77 -5.32 7.39
CA ASP A 435 -7.84 -5.43 5.93
C ASP A 435 -7.86 -4.03 5.26
N LEU A 436 -6.68 -3.43 5.14
CA LEU A 436 -6.54 -2.15 4.41
C LEU A 436 -6.64 -2.35 2.91
N PHE A 437 -6.35 -3.56 2.43
CA PHE A 437 -6.34 -3.82 0.98
C PHE A 437 -7.24 -4.97 0.56
N PRO A 438 -8.58 -4.80 0.75
CA PRO A 438 -9.49 -5.87 0.36
C PRO A 438 -9.40 -6.23 -1.10
N GLN A 439 -9.65 -7.52 -1.38
CA GLN A 439 -9.63 -8.13 -2.73
C GLN A 439 -8.21 -8.43 -3.23
N THR A 440 -7.19 -7.89 -2.55
CA THR A 440 -5.79 -8.13 -2.88
C THR A 440 -5.18 -9.10 -1.87
N HIS A 441 -3.99 -9.59 -2.15
CA HIS A 441 -3.29 -10.48 -1.22
C HIS A 441 -2.64 -9.77 -0.05
N HIS A 442 -2.58 -8.44 -0.10
CA HIS A 442 -1.80 -7.67 0.87
C HIS A 442 -2.46 -7.66 2.24
N VAL A 443 -1.62 -7.80 3.28
CA VAL A 443 -2.06 -7.84 4.66
C VAL A 443 -1.40 -6.68 5.40
N GLN A 444 -2.21 -5.94 6.15
CA GLN A 444 -1.76 -4.93 7.07
C GLN A 444 -1.89 -5.51 8.49
N THR A 445 -0.89 -5.24 9.33
CA THR A 445 -0.91 -5.67 10.72
C THR A 445 -0.47 -4.55 11.66
N VAL A 446 -0.91 -4.65 12.91
CA VAL A 446 -0.25 -3.94 14.00
C VAL A 446 0.18 -4.97 15.05
N ALA A 447 1.43 -4.87 15.47
CA ALA A 447 2.00 -5.74 16.50
C ALA A 447 2.42 -4.88 17.70
N LEU A 448 2.17 -5.38 18.91
CA LEU A 448 2.64 -4.74 20.15
C LEU A 448 3.79 -5.55 20.68
N LEU A 449 4.92 -4.87 20.90
CA LEU A 449 6.08 -5.44 21.55
C LEU A 449 6.26 -4.68 22.84
N SER A 450 6.66 -5.37 23.90
CA SER A 450 6.91 -4.69 25.16
C SER A 450 8.20 -5.17 25.82
N LYS A 451 8.88 -4.25 26.49
CA LYS A 451 10.23 -4.49 27.02
C LYS A 451 10.14 -5.40 28.23
N LEU A 452 10.93 -6.48 28.22
CA LEU A 452 10.90 -7.47 29.32
C LEU A 452 11.31 -6.92 30.68
N ASP A 453 12.31 -6.03 30.71
CA ASP A 453 12.61 -5.24 31.93
C ASP A 453 13.38 -3.96 31.59
C5 MUM B 3 2.95 0.82 4.99
C5M MUM B 3 3.53 2.25 4.94
C4 MUM B 3 1.52 1.01 5.41
O4 MUM B 3 1.26 1.12 6.61
N3 MUM B 3 0.58 1.12 4.46
C6 MUM B 3 3.16 0.03 3.66
N1 MUM B 3 2.06 0.46 2.77
C2 MUM B 3 0.85 0.97 3.14
O2 MUM B 3 -0.02 1.29 2.33
C1' MUM B 3 2.40 0.31 1.34
O4' MUM B 3 2.39 1.61 0.74
C4' MUM B 3 1.99 1.47 -0.61
C3' MUM B 3 0.92 0.39 -0.57
O3' MUM B 3 0.72 -0.25 -1.84
C2' MUM B 3 1.39 -0.54 0.55
O2' MUM B 3 1.98 -1.73 0.03
C5' MUM B 3 1.47 2.78 -1.21
O5' MUM B 3 2.52 3.74 -1.20
P MUM B 3 2.58 5.02 -2.21
O2P MUM B 3 3.61 5.92 -1.62
O1P MUM B 3 1.20 5.64 -2.25
N SAH C . 2.72 6.86 9.30
CA SAH C . 2.25 7.57 8.06
CB SAH C . 3.14 7.26 6.84
CG SAH C . 3.38 5.78 6.53
SD SAH C . 3.99 5.54 4.88
C SAH C . 0.81 7.24 7.82
O SAH C . 0.20 7.89 6.95
OXT SAH C . 0.20 6.37 8.48
C5' SAH C . 5.73 5.31 5.10
C4' SAH C . 6.44 6.66 5.20
O4' SAH C . 7.84 6.45 5.39
C3' SAH C . 6.35 7.52 3.95
O3' SAH C . 5.85 8.82 4.32
C2' SAH C . 7.76 7.53 3.37
O2' SAH C . 8.11 8.73 2.71
C1' SAH C . 8.58 7.40 4.63
N9 SAH C . 9.89 6.77 4.54
C8 SAH C . 10.31 5.82 3.70
N7 SAH C . 11.57 5.44 4.00
C5 SAH C . 11.93 6.13 5.10
C6 SAH C . 13.11 6.18 5.96
N6 SAH C . 14.15 5.38 5.66
N1 SAH C . 13.11 7.04 7.01
C2 SAH C . 12.05 7.84 7.29
N3 SAH C . 10.92 7.82 6.55
C4 SAH C . 10.82 7.01 5.47
#